data_4DER
#
_entry.id   4DER
#
_cell.length_a   43.152
_cell.length_b   85.132
_cell.length_c   64.458
_cell.angle_alpha   90.000
_cell.angle_beta   90.000
_cell.angle_gamma   90.000
#
_symmetry.space_group_name_H-M   'P 21 21 2'
#
loop_
_entity.id
_entity.type
_entity.pdbx_description
1 polymer Transthyretin
2 non-polymer 5,7-dihydroxy-2-(4-hydroxyphenyl)-4H-chromen-4-one
3 non-polymer GLYCEROL
4 water water
#
_entity_poly.entity_id   1
_entity_poly.type   'polypeptide(L)'
_entity_poly.pdbx_seq_one_letter_code
;CPLMVKVLDAVRGSPAINVAVHVFRKAADDTWEPFASGKTSESGELHGLTTEEEFVEGIYKVEIDTKSYWKALGISPFHE
HAEVVFTANDSGPRRYTIAALLSPYSYSTTAVVTNP
;
_entity_poly.pdbx_strand_id   A,B
#
loop_
_chem_comp.id
_chem_comp.type
_chem_comp.name
_chem_comp.formula
AGI non-polymer 5,7-dihydroxy-2-(4-hydroxyphenyl)-4H-chromen-4-one 'C15 H10 O5'
GOL non-polymer GLYCEROL 'C3 H8 O3'
#
# COMPACT_ATOMS: atom_id res chain seq x y z
N CYS A 1 14.06 -3.37 -19.46
CA CYS A 1 13.71 -4.27 -18.33
C CYS A 1 12.21 -4.16 -18.00
N PRO A 2 11.57 -5.28 -17.64
CA PRO A 2 10.13 -5.43 -17.47
C PRO A 2 9.51 -4.78 -16.21
N LEU A 3 10.36 -4.50 -15.23
CA LEU A 3 9.90 -3.98 -13.95
C LEU A 3 10.85 -2.91 -13.47
N MET A 4 10.30 -1.72 -13.22
CA MET A 4 11.08 -0.60 -12.77
C MET A 4 10.34 0.10 -11.63
N VAL A 5 11.09 0.63 -10.66
CA VAL A 5 10.48 1.32 -9.51
C VAL A 5 11.04 2.74 -9.43
N LYS A 6 10.17 3.70 -9.20
CA LYS A 6 10.52 5.07 -9.13
C LYS A 6 9.92 5.70 -7.88
N VAL A 7 10.72 6.39 -7.10
CA VAL A 7 10.27 6.92 -5.82
C VAL A 7 10.57 8.42 -5.70
N LEU A 8 9.54 9.18 -5.31
CA LEU A 8 9.62 10.63 -5.18
CA LEU A 8 9.62 10.63 -5.18
C LEU A 8 9.25 11.16 -3.80
N ASP A 9 10.01 12.14 -3.33
CA ASP A 9 9.82 12.72 -2.03
C ASP A 9 8.99 14.01 -2.17
N ALA A 10 7.77 13.98 -1.63
CA ALA A 10 6.81 15.10 -1.75
C ALA A 10 7.09 16.29 -0.82
N VAL A 11 8.01 16.11 0.14
CA VAL A 11 8.42 17.16 1.09
C VAL A 11 9.54 18.01 0.49
N ARG A 12 10.52 17.36 -0.14
CA ARG A 12 11.67 18.10 -0.65
C ARG A 12 11.51 18.39 -2.13
N GLY A 13 10.55 17.74 -2.80
CA GLY A 13 10.39 17.88 -4.26
C GLY A 13 11.59 17.36 -5.02
N SER A 14 11.96 16.13 -4.69
CA SER A 14 13.15 15.56 -5.25
C SER A 14 12.92 14.05 -5.44
N PRO A 15 13.76 13.41 -6.25
CA PRO A 15 13.77 11.96 -6.17
C PRO A 15 14.12 11.48 -4.75
N ALA A 16 13.56 10.35 -4.36
CA ALA A 16 13.87 9.72 -3.08
C ALA A 16 15.00 8.71 -3.36
N ILE A 17 16.20 9.07 -2.88
CA ILE A 17 17.45 8.41 -3.22
C ILE A 17 17.81 7.35 -2.15
N ASN A 18 18.42 6.25 -2.59
CA ASN A 18 18.88 5.19 -1.67
CA ASN A 18 18.87 5.18 -1.67
C ASN A 18 17.74 4.54 -0.86
N VAL A 19 16.57 4.42 -1.47
CA VAL A 19 15.44 3.76 -0.84
C VAL A 19 15.49 2.28 -1.17
N ALA A 20 15.40 1.45 -0.14
CA ALA A 20 15.47 0.00 -0.31
C ALA A 20 14.15 -0.51 -0.83
N VAL A 21 14.24 -1.44 -1.77
CA VAL A 21 13.07 -2.02 -2.42
C VAL A 21 13.23 -3.54 -2.49
N HIS A 22 12.24 -4.26 -1.96
CA HIS A 22 12.22 -5.72 -1.97
C HIS A 22 11.03 -6.21 -2.73
N VAL A 23 11.29 -7.14 -3.66
CA VAL A 23 10.26 -7.71 -4.50
C VAL A 23 10.12 -9.19 -4.15
N PHE A 24 8.86 -9.62 -4.01
CA PHE A 24 8.51 -11.01 -3.68
C PHE A 24 7.52 -11.51 -4.72
N ARG A 25 7.49 -12.85 -4.88
CA ARG A 25 6.53 -13.48 -5.79
C ARG A 25 5.79 -14.57 -5.02
N LYS A 26 4.46 -14.63 -5.20
CA LYS A 26 3.68 -15.63 -4.50
C LYS A 26 3.96 -17.04 -5.04
N ALA A 27 4.34 -17.95 -4.15
CA ALA A 27 4.63 -19.35 -4.56
C ALA A 27 3.35 -20.17 -4.71
N ALA A 28 3.50 -21.38 -5.26
CA ALA A 28 2.37 -22.29 -5.42
C ALA A 28 1.68 -22.58 -4.08
N ASP A 29 2.45 -22.69 -3.01
CA ASP A 29 1.92 -22.98 -1.66
C ASP A 29 1.43 -21.72 -0.94
N ASP A 30 1.21 -20.63 -1.68
CA ASP A 30 0.71 -19.37 -1.15
C ASP A 30 1.65 -18.54 -0.25
N THR A 31 2.92 -18.89 -0.13
CA THR A 31 3.87 -18.07 0.63
C THR A 31 4.54 -17.06 -0.30
N TRP A 32 5.02 -15.96 0.29
CA TRP A 32 5.84 -15.01 -0.43
C TRP A 32 7.29 -15.45 -0.53
N GLU A 33 7.80 -15.57 -1.74
CA GLU A 33 9.19 -15.94 -1.93
C GLU A 33 9.98 -14.73 -2.41
N PRO A 34 11.21 -14.52 -1.87
CA PRO A 34 12.09 -13.45 -2.36
C PRO A 34 12.34 -13.51 -3.87
N PHE A 35 12.06 -12.41 -4.57
CA PHE A 35 12.22 -12.38 -6.04
C PHE A 35 13.42 -11.52 -6.48
N ALA A 36 13.54 -10.32 -5.91
CA ALA A 36 14.62 -9.40 -6.24
C ALA A 36 14.63 -8.21 -5.27
N SER A 37 15.72 -7.46 -5.24
CA SER A 37 15.80 -6.27 -4.38
C SER A 37 16.85 -5.32 -4.88
N GLY A 38 16.79 -4.08 -4.38
CA GLY A 38 17.76 -3.05 -4.79
C GLY A 38 17.52 -1.73 -4.05
N LYS A 39 18.26 -0.70 -4.45
CA LYS A 39 18.22 0.66 -3.89
C LYS A 39 17.92 1.62 -5.02
N THR A 40 17.13 2.67 -4.76
CA THR A 40 16.93 3.67 -5.80
C THR A 40 18.21 4.48 -5.96
N SER A 41 18.42 4.99 -7.16
CA SER A 41 19.65 5.72 -7.49
C SER A 41 19.41 7.20 -7.21
N GLU A 42 20.37 8.02 -7.67
CA GLU A 42 20.28 9.50 -7.60
C GLU A 42 19.05 10.06 -8.30
N SER A 43 18.50 9.33 -9.25
CA SER A 43 17.31 9.81 -9.97
C SER A 43 16.01 9.26 -9.35
N GLY A 44 16.15 8.53 -8.24
CA GLY A 44 15.00 7.90 -7.56
C GLY A 44 14.47 6.66 -8.27
N GLU A 45 15.25 6.15 -9.22
CA GLU A 45 14.80 5.00 -10.02
CA GLU A 45 14.83 5.00 -10.04
C GLU A 45 15.58 3.73 -9.69
N LEU A 46 14.93 2.58 -9.86
CA LEU A 46 15.59 1.31 -9.63
C LEU A 46 15.34 0.47 -10.86
N HIS A 47 16.42 0.22 -11.59
CA HIS A 47 16.36 -0.51 -12.86
C HIS A 47 17.08 -1.83 -12.65
N GLY A 48 16.82 -2.78 -13.53
CA GLY A 48 17.59 -4.04 -13.56
C GLY A 48 17.15 -5.06 -12.55
N LEU A 49 15.94 -4.91 -11.97
CA LEU A 49 15.51 -5.85 -10.94
C LEU A 49 15.39 -7.28 -11.45
N THR A 50 14.95 -7.42 -12.69
CA THR A 50 14.63 -8.72 -13.29
C THR A 50 14.81 -8.74 -14.82
N THR A 51 14.38 -9.82 -15.47
CA THR A 51 14.52 -9.95 -16.93
C THR A 51 13.22 -10.50 -17.48
N GLU A 52 13.00 -10.36 -18.80
CA GLU A 52 11.83 -10.94 -19.47
C GLU A 52 11.67 -12.44 -19.20
N GLU A 53 12.78 -13.18 -19.14
CA GLU A 53 12.80 -14.64 -18.88
C GLU A 53 12.31 -14.98 -17.46
N GLU A 54 12.77 -14.21 -16.48
CA GLU A 54 12.54 -14.52 -15.09
C GLU A 54 11.19 -13.98 -14.61
N PHE A 55 10.76 -12.86 -15.19
CA PHE A 55 9.52 -12.17 -14.77
C PHE A 55 8.29 -12.81 -15.42
N VAL A 56 7.94 -14.00 -14.96
CA VAL A 56 6.82 -14.76 -15.50
C VAL A 56 5.50 -14.27 -14.86
N GLU A 57 4.38 -14.80 -15.30
CA GLU A 57 3.08 -14.51 -14.62
C GLU A 57 3.16 -14.84 -13.17
N GLY A 58 2.44 -14.06 -12.35
CA GLY A 58 2.31 -14.39 -10.95
C GLY A 58 1.79 -13.20 -10.21
N ILE A 59 1.66 -13.34 -8.90
CA ILE A 59 1.35 -12.21 -8.05
C ILE A 59 2.64 -11.76 -7.40
N TYR A 60 2.93 -10.48 -7.59
CA TYR A 60 4.13 -9.87 -7.07
C TYR A 60 3.83 -8.87 -5.96
N LYS A 61 4.77 -8.76 -5.03
CA LYS A 61 4.71 -7.72 -4.00
C LYS A 61 5.97 -6.89 -4.08
N VAL A 62 5.80 -5.58 -4.20
CA VAL A 62 6.93 -4.63 -4.13
C VAL A 62 6.83 -3.87 -2.81
N GLU A 63 7.83 -4.09 -1.95
CA GLU A 63 7.80 -3.46 -0.65
C GLU A 63 8.88 -2.38 -0.62
N ILE A 64 8.44 -1.14 -0.46
CA ILE A 64 9.37 0.01 -0.46
C ILE A 64 9.65 0.46 0.96
N ASP A 65 10.93 0.47 1.34
CA ASP A 65 11.29 0.81 2.73
C ASP A 65 11.25 2.34 3.01
N THR A 66 10.03 2.87 3.08
CA THR A 66 9.81 4.28 3.33
C THR A 66 10.21 4.71 4.74
N LYS A 67 10.04 3.80 5.71
CA LYS A 67 10.35 4.17 7.08
C LYS A 67 11.85 4.53 7.30
N SER A 68 12.75 3.70 6.76
CA SER A 68 14.18 3.99 6.89
C SER A 68 14.54 5.28 6.18
N TYR A 69 13.91 5.51 5.03
CA TYR A 69 14.11 6.76 4.30
C TYR A 69 13.80 8.02 5.15
N TRP A 70 12.59 8.07 5.74
CA TRP A 70 12.19 9.22 6.55
C TRP A 70 13.04 9.37 7.83
N LYS A 71 13.36 8.23 8.44
CA LYS A 71 14.14 8.23 9.71
C LYS A 71 15.55 8.80 9.46
N ALA A 72 16.14 8.45 8.32
CA ALA A 72 17.45 9.01 7.93
C ALA A 72 17.37 10.52 7.68
N LEU A 73 16.18 11.02 7.37
CA LEU A 73 15.97 12.44 7.24
C LEU A 73 15.49 13.13 8.55
N GLY A 74 15.42 12.39 9.65
CA GLY A 74 15.06 12.92 10.98
C GLY A 74 13.56 12.93 11.28
N ILE A 75 12.80 12.27 10.41
CA ILE A 75 11.34 12.30 10.52
C ILE A 75 10.87 10.93 11.00
N SER A 76 9.93 10.91 11.94
CA SER A 76 9.31 9.66 12.36
C SER A 76 8.01 9.48 11.57
N PRO A 77 8.00 8.63 10.53
CA PRO A 77 6.82 8.60 9.65
C PRO A 77 5.72 7.68 10.18
N PHE A 78 4.55 7.71 9.57
CA PHE A 78 3.45 6.84 10.00
C PHE A 78 3.64 5.39 9.54
N HIS A 79 3.93 5.18 8.26
CA HIS A 79 3.92 3.84 7.69
C HIS A 79 5.21 3.06 7.90
N GLU A 80 5.09 1.74 8.03
CA GLU A 80 6.29 0.88 8.11
C GLU A 80 6.99 0.79 6.74
N HIS A 81 6.21 0.82 5.69
CA HIS A 81 6.70 0.70 4.34
C HIS A 81 5.53 1.02 3.43
N ALA A 82 5.80 1.16 2.13
CA ALA A 82 4.75 1.16 1.14
C ALA A 82 4.82 -0.20 0.40
N GLU A 83 3.67 -0.88 0.29
N GLU A 83 3.68 -0.88 0.31
CA GLU A 83 3.58 -2.25 -0.30
CA GLU A 83 3.60 -2.18 -0.34
C GLU A 83 2.62 -2.32 -1.48
C GLU A 83 2.66 -2.15 -1.54
N VAL A 84 3.12 -2.67 -2.67
CA VAL A 84 2.32 -2.70 -3.89
C VAL A 84 2.17 -4.19 -4.29
N VAL A 85 0.94 -4.68 -4.39
CA VAL A 85 0.71 -6.09 -4.70
C VAL A 85 -0.16 -6.19 -5.95
N PHE A 86 0.29 -6.94 -6.95
CA PHE A 86 -0.42 -6.96 -8.24
C PHE A 86 -0.18 -8.26 -9.00
N THR A 87 -1.13 -8.61 -9.87
CA THR A 87 -0.92 -9.70 -10.81
C THR A 87 -0.20 -9.13 -12.02
N ALA A 88 0.88 -9.81 -12.43
CA ALA A 88 1.68 -9.39 -13.56
C ALA A 88 1.59 -10.40 -14.71
N ASN A 89 1.66 -9.85 -15.93
CA ASN A 89 1.78 -10.64 -17.17
C ASN A 89 0.64 -11.62 -17.45
N ASP A 90 -0.53 -11.31 -16.89
CA ASP A 90 -1.69 -12.17 -17.03
CA ASP A 90 -1.75 -12.10 -17.01
C ASP A 90 -2.24 -12.22 -18.47
N SER A 91 -2.05 -11.17 -19.27
CA SER A 91 -2.41 -11.27 -20.70
C SER A 91 -1.18 -11.21 -21.60
N GLY A 92 -0.06 -11.79 -21.17
CA GLY A 92 1.21 -11.69 -21.89
C GLY A 92 2.13 -10.69 -21.21
N PRO A 93 3.44 -10.66 -21.62
CA PRO A 93 4.45 -9.83 -20.96
C PRO A 93 4.14 -8.34 -21.12
N ARG A 94 4.40 -7.57 -20.06
CA ARG A 94 4.23 -6.12 -20.10
C ARG A 94 5.43 -5.46 -19.45
N ARG A 95 5.59 -4.16 -19.65
CA ARG A 95 6.57 -3.41 -18.90
C ARG A 95 5.81 -2.68 -17.78
N TYR A 96 6.30 -2.79 -16.55
CA TYR A 96 5.66 -2.17 -15.39
C TYR A 96 6.56 -1.12 -14.79
N THR A 97 6.04 0.10 -14.66
CA THR A 97 6.67 1.10 -13.82
C THR A 97 5.80 1.29 -12.59
N ILE A 98 6.38 1.03 -11.42
CA ILE A 98 5.74 1.26 -10.12
C ILE A 98 6.33 2.57 -9.56
N ALA A 99 5.51 3.61 -9.48
CA ALA A 99 5.91 4.90 -8.94
C ALA A 99 5.27 5.06 -7.57
N ALA A 100 6.02 5.58 -6.62
CA ALA A 100 5.52 5.90 -5.29
C ALA A 100 5.91 7.35 -4.99
N LEU A 101 4.97 8.09 -4.42
CA LEU A 101 5.16 9.48 -4.03
C LEU A 101 4.96 9.52 -2.52
N LEU A 102 5.99 9.98 -1.81
CA LEU A 102 6.07 9.78 -0.38
C LEU A 102 5.95 11.08 0.42
N SER A 103 5.12 11.02 1.46
CA SER A 103 5.13 12.05 2.50
C SER A 103 5.14 11.34 3.85
N PRO A 104 5.43 12.08 4.93
CA PRO A 104 5.62 11.32 6.18
C PRO A 104 4.38 10.55 6.68
N TYR A 105 3.19 11.08 6.43
CA TYR A 105 1.96 10.45 6.88
C TYR A 105 1.05 10.04 5.72
N SER A 106 1.60 9.95 4.52
CA SER A 106 0.78 9.65 3.37
C SER A 106 1.69 9.13 2.27
N TYR A 107 1.19 8.21 1.45
CA TYR A 107 1.89 7.93 0.18
C TYR A 107 0.91 7.57 -0.89
N SER A 108 1.33 7.73 -2.14
N SER A 108 1.33 7.71 -2.15
N SER A 108 1.35 7.70 -2.14
CA SER A 108 0.57 7.30 -3.31
CA SER A 108 0.51 7.26 -3.25
CA SER A 108 0.55 7.34 -3.29
C SER A 108 1.40 6.32 -4.11
C SER A 108 1.37 6.38 -4.12
C SER A 108 1.37 6.41 -4.17
N THR A 109 0.71 5.42 -4.78
CA THR A 109 1.37 4.52 -5.72
C THR A 109 0.56 4.38 -7.01
N THR A 110 1.26 4.41 -8.14
CA THR A 110 0.62 4.27 -9.44
CA THR A 110 0.64 4.29 -9.44
C THR A 110 1.43 3.29 -10.26
N ALA A 111 0.77 2.60 -11.15
CA ALA A 111 1.44 1.73 -12.09
C ALA A 111 1.22 2.30 -13.49
N VAL A 112 2.31 2.37 -14.24
CA VAL A 112 2.27 2.66 -15.66
C VAL A 112 2.68 1.35 -16.33
N VAL A 113 1.75 0.80 -17.11
CA VAL A 113 1.86 -0.53 -17.73
C VAL A 113 1.81 -0.32 -19.23
N THR A 114 2.88 -0.68 -19.91
CA THR A 114 2.95 -0.51 -21.35
C THR A 114 3.30 -1.83 -22.05
N ASN A 115 3.05 -1.87 -23.36
CA ASN A 115 3.50 -3.01 -24.15
C ASN A 115 5.03 -3.07 -24.33
N PRO A 116 5.57 -4.29 -24.55
CA PRO A 116 6.96 -4.41 -25.01
C PRO A 116 7.17 -3.68 -26.34
N CYS B 1 -13.86 4.99 19.51
CA CYS B 1 -13.38 4.61 18.15
C CYS B 1 -11.92 5.06 17.98
N PRO B 2 -10.98 4.24 18.43
CA PRO B 2 -9.55 4.50 18.28
C PRO B 2 -9.03 4.37 16.85
N LEU B 3 -9.78 3.65 16.00
CA LEU B 3 -9.37 3.38 14.61
C LEU B 3 -10.58 3.38 13.69
N MET B 4 -10.54 4.26 12.67
CA MET B 4 -11.60 4.37 11.67
C MET B 4 -10.92 4.27 10.29
N VAL B 5 -11.63 3.70 9.33
CA VAL B 5 -11.14 3.61 7.95
C VAL B 5 -12.15 4.31 7.04
N LYS B 6 -11.66 5.11 6.12
CA LYS B 6 -12.50 5.82 5.18
C LYS B 6 -12.02 5.61 3.76
N VAL B 7 -12.90 5.30 2.84
CA VAL B 7 -12.47 4.96 1.46
C VAL B 7 -13.24 5.80 0.45
N LEU B 8 -12.51 6.43 -0.48
CA LEU B 8 -13.13 7.25 -1.50
CA LEU B 8 -13.11 7.27 -1.51
C LEU B 8 -12.79 6.75 -2.90
N ASP B 9 -13.71 7.01 -3.83
CA ASP B 9 -13.62 6.55 -5.20
C ASP B 9 -13.34 7.76 -6.09
N ALA B 10 -12.12 7.79 -6.67
CA ALA B 10 -11.63 8.89 -7.52
C ALA B 10 -12.17 8.90 -8.96
N VAL B 11 -12.76 7.78 -9.39
CA VAL B 11 -13.39 7.67 -10.72
C VAL B 11 -14.83 8.26 -10.72
N ARG B 12 -15.62 7.85 -9.74
CA ARG B 12 -17.00 8.30 -9.60
C ARG B 12 -17.16 9.54 -8.69
N GLY B 13 -16.13 9.90 -7.92
CA GLY B 13 -16.23 11.05 -6.99
C GLY B 13 -17.22 10.81 -5.84
N SER B 14 -17.02 9.70 -5.17
CA SER B 14 -18.02 9.24 -4.24
C SER B 14 -17.36 8.44 -3.15
N PRO B 15 -18.07 8.25 -2.03
CA PRO B 15 -17.60 7.27 -1.05
C PRO B 15 -17.50 5.93 -1.76
N ALA B 16 -16.49 5.13 -1.39
CA ALA B 16 -16.40 3.76 -1.88
C ALA B 16 -17.16 2.85 -0.93
N ILE B 17 -18.31 2.38 -1.38
CA ILE B 17 -19.29 1.73 -0.50
C ILE B 17 -19.12 0.22 -0.62
N ASN B 18 -19.37 -0.48 0.50
CA ASN B 18 -19.32 -1.95 0.56
CA ASN B 18 -19.33 -1.95 0.60
C ASN B 18 -17.95 -2.54 0.26
N VAL B 19 -16.92 -1.81 0.62
CA VAL B 19 -15.55 -2.29 0.43
C VAL B 19 -15.09 -3.07 1.65
N ALA B 20 -14.60 -4.29 1.43
CA ALA B 20 -14.16 -5.14 2.55
C ALA B 20 -12.82 -4.66 3.07
N VAL B 21 -12.68 -4.63 4.40
CA VAL B 21 -11.49 -4.16 5.08
C VAL B 21 -11.10 -5.15 6.17
N HIS B 22 -9.88 -5.65 6.13
CA HIS B 22 -9.37 -6.53 7.19
C HIS B 22 -8.20 -5.93 7.93
N VAL B 23 -8.21 -6.06 9.24
CA VAL B 23 -7.17 -5.49 10.09
C VAL B 23 -6.43 -6.61 10.81
N PHE B 24 -5.10 -6.53 10.78
CA PHE B 24 -4.24 -7.56 11.39
C PHE B 24 -3.27 -6.91 12.34
N ARG B 25 -2.84 -7.70 13.32
CA ARG B 25 -1.81 -7.27 14.23
CA ARG B 25 -1.83 -7.29 14.27
C ARG B 25 -0.64 -8.24 14.15
N LYS B 26 0.55 -7.68 14.08
CA LYS B 26 1.77 -8.48 14.06
C LYS B 26 1.90 -9.26 15.35
N ALA B 27 2.07 -10.58 15.21
CA ALA B 27 2.25 -11.45 16.37
C ALA B 27 3.75 -11.68 16.57
N ALA B 28 4.15 -12.12 17.75
CA ALA B 28 5.58 -12.23 18.11
C ALA B 28 6.40 -13.17 17.20
N ASP B 29 5.73 -14.07 16.48
CA ASP B 29 6.42 -14.90 15.47
C ASP B 29 6.45 -14.29 14.03
N ASP B 30 6.21 -12.97 13.94
CA ASP B 30 6.27 -12.23 12.66
C ASP B 30 5.12 -12.50 11.70
N THR B 31 4.12 -13.24 12.17
CA THR B 31 2.95 -13.57 11.37
C THR B 31 1.80 -12.57 11.61
N TRP B 32 1.03 -12.31 10.55
CA TRP B 32 -0.14 -11.45 10.67
C TRP B 32 -1.30 -12.24 11.21
N GLU B 33 -1.87 -11.77 12.30
CA GLU B 33 -3.09 -12.36 12.80
C GLU B 33 -4.28 -11.42 12.74
N PRO B 34 -5.41 -11.98 12.30
CA PRO B 34 -6.64 -11.23 12.09
C PRO B 34 -7.06 -10.64 13.37
N PHE B 35 -7.56 -9.43 13.31
CA PHE B 35 -7.88 -8.64 14.46
C PHE B 35 -9.32 -8.10 14.35
N ALA B 36 -9.65 -7.54 13.23
CA ALA B 36 -10.95 -6.97 12.98
C ALA B 36 -11.22 -6.87 11.48
N SER B 37 -12.46 -6.69 11.10
CA SER B 37 -12.84 -6.49 9.71
C SER B 37 -14.23 -5.94 9.58
N GLY B 38 -14.58 -5.48 8.39
CA GLY B 38 -15.91 -4.97 8.13
C GLY B 38 -15.99 -4.51 6.71
N LYS B 39 -17.11 -3.88 6.38
CA LYS B 39 -17.28 -3.29 5.07
CA LYS B 39 -17.42 -3.33 5.06
C LYS B 39 -17.68 -1.84 5.24
N THR B 40 -17.14 -0.99 4.36
CA THR B 40 -17.45 0.44 4.44
C THR B 40 -18.96 0.66 4.21
N SER B 41 -19.50 1.65 4.90
CA SER B 41 -20.91 2.04 4.85
C SER B 41 -21.17 2.90 3.61
N GLU B 42 -22.40 3.43 3.51
CA GLU B 42 -22.80 4.35 2.42
CA GLU B 42 -22.77 4.33 2.41
C GLU B 42 -21.96 5.64 2.42
N SER B 43 -21.38 5.99 3.55
CA SER B 43 -20.52 7.19 3.61
C SER B 43 -19.05 6.81 3.35
N GLY B 44 -18.82 5.55 2.99
CA GLY B 44 -17.48 5.03 2.76
C GLY B 44 -16.63 4.86 4.00
N GLU B 45 -17.27 4.79 5.16
N GLU B 45 -17.27 4.79 5.16
CA GLU B 45 -16.56 4.77 6.43
CA GLU B 45 -16.56 4.77 6.43
C GLU B 45 -16.73 3.43 7.15
C GLU B 45 -16.75 3.45 7.17
N LEU B 46 -15.73 3.03 7.91
CA LEU B 46 -15.84 1.82 8.72
C LEU B 46 -15.49 2.16 10.14
N HIS B 47 -16.50 2.13 10.99
CA HIS B 47 -16.42 2.50 12.41
C HIS B 47 -16.48 1.23 13.25
N GLY B 48 -16.02 1.31 14.50
CA GLY B 48 -16.23 0.21 15.45
C GLY B 48 -15.36 -1.02 15.27
N LEU B 49 -14.21 -0.87 14.62
CA LEU B 49 -13.30 -1.99 14.37
C LEU B 49 -12.72 -2.56 15.66
N THR B 50 -12.41 -1.68 16.60
CA THR B 50 -11.76 -2.07 17.85
C THR B 50 -12.16 -1.13 18.98
N THR B 51 -11.57 -1.30 20.16
CA THR B 51 -11.87 -0.43 21.30
C THR B 51 -10.56 0.06 21.86
N GLU B 52 -10.65 1.04 22.75
CA GLU B 52 -9.45 1.59 23.40
C GLU B 52 -8.67 0.56 24.20
N GLU B 53 -9.36 -0.42 24.77
CA GLU B 53 -8.69 -1.41 25.62
C GLU B 53 -7.92 -2.43 24.78
N GLU B 54 -8.47 -2.73 23.60
CA GLU B 54 -7.96 -3.78 22.76
C GLU B 54 -6.84 -3.26 21.88
N PHE B 55 -6.93 -1.99 21.49
CA PHE B 55 -6.00 -1.38 20.53
C PHE B 55 -4.68 -0.94 21.19
N VAL B 56 -3.88 -1.91 21.60
CA VAL B 56 -2.60 -1.66 22.26
C VAL B 56 -1.49 -1.34 21.23
N GLU B 57 -0.39 -0.77 21.71
CA GLU B 57 0.79 -0.57 20.85
C GLU B 57 1.11 -1.87 20.13
N GLY B 58 1.53 -1.74 18.87
CA GLY B 58 1.87 -2.90 18.08
C GLY B 58 2.03 -2.45 16.63
N ILE B 59 2.25 -3.42 15.76
CA ILE B 59 2.33 -3.12 14.35
C ILE B 59 1.07 -3.69 13.77
N TYR B 60 0.39 -2.87 12.98
CA TYR B 60 -0.93 -3.23 12.43
C TYR B 60 -0.96 -3.15 10.92
N LYS B 61 -1.74 -4.02 10.30
CA LYS B 61 -1.96 -3.98 8.87
C LYS B 61 -3.44 -3.81 8.57
N VAL B 62 -3.74 -2.83 7.72
CA VAL B 62 -5.09 -2.62 7.23
C VAL B 62 -5.10 -2.98 5.76
N GLU B 63 -5.84 -4.02 5.43
CA GLU B 63 -5.90 -4.49 4.05
C GLU B 63 -7.25 -4.17 3.44
N ILE B 64 -7.24 -3.44 2.34
CA ILE B 64 -8.45 -2.93 1.72
C ILE B 64 -8.69 -3.65 0.42
N ASP B 65 -9.81 -4.36 0.33
CA ASP B 65 -10.04 -5.16 -0.87
C ASP B 65 -10.49 -4.31 -2.07
N THR B 66 -9.52 -3.63 -2.66
CA THR B 66 -9.82 -2.71 -3.75
C THR B 66 -10.17 -3.47 -5.02
N LYS B 67 -9.59 -4.65 -5.20
CA LYS B 67 -9.81 -5.40 -6.43
C LYS B 67 -11.28 -5.81 -6.61
N SER B 68 -11.90 -6.31 -5.54
CA SER B 68 -13.34 -6.68 -5.60
C SER B 68 -14.22 -5.49 -5.88
N TYR B 69 -13.81 -4.32 -5.37
CA TYR B 69 -14.56 -3.09 -5.58
C TYR B 69 -14.57 -2.73 -7.05
N TRP B 70 -13.38 -2.69 -7.66
CA TRP B 70 -13.28 -2.37 -9.06
C TRP B 70 -13.97 -3.44 -9.91
N LYS B 71 -13.83 -4.69 -9.51
CA LYS B 71 -14.54 -5.75 -10.20
C LYS B 71 -16.05 -5.53 -10.18
N ALA B 72 -16.62 -5.11 -9.06
CA ALA B 72 -18.06 -4.84 -9.04
C ALA B 72 -18.48 -3.68 -9.95
N LEU B 73 -17.55 -2.80 -10.29
CA LEU B 73 -17.85 -1.69 -11.19
C LEU B 73 -17.55 -1.99 -12.66
N GLY B 74 -16.96 -3.16 -12.93
CA GLY B 74 -16.56 -3.52 -14.30
C GLY B 74 -15.41 -2.74 -14.88
N ILE B 75 -14.46 -2.36 -14.02
CA ILE B 75 -13.26 -1.61 -14.40
C ILE B 75 -12.02 -2.46 -14.00
N SER B 76 -11.13 -2.74 -14.94
CA SER B 76 -9.90 -3.54 -14.68
C SER B 76 -9.01 -2.79 -13.69
N PRO B 77 -8.70 -3.41 -12.56
CA PRO B 77 -7.80 -2.80 -11.57
C PRO B 77 -6.39 -3.33 -11.66
N PHE B 78 -5.44 -2.56 -11.18
CA PHE B 78 -4.05 -3.03 -11.16
C PHE B 78 -3.72 -3.82 -9.89
N HIS B 79 -4.08 -3.30 -8.72
CA HIS B 79 -3.65 -3.87 -7.45
C HIS B 79 -4.54 -5.01 -7.00
N GLU B 80 -3.96 -5.96 -6.30
CA GLU B 80 -4.70 -7.00 -5.62
C GLU B 80 -5.51 -6.42 -4.47
N HIS B 81 -4.96 -5.42 -3.78
CA HIS B 81 -5.58 -4.76 -2.63
C HIS B 81 -4.70 -3.55 -2.29
N ALA B 82 -5.14 -2.75 -1.33
CA ALA B 82 -4.29 -1.74 -0.72
C ALA B 82 -4.00 -2.16 0.74
N GLU B 83 -2.71 -2.25 1.10
N GLU B 83 -2.74 -2.18 1.10
CA GLU B 83 -2.22 -2.72 2.42
CA GLU B 83 -2.30 -2.64 2.38
C GLU B 83 -1.49 -1.58 3.15
C GLU B 83 -1.62 -1.45 3.07
N VAL B 84 -2.04 -1.11 4.27
CA VAL B 84 -1.48 0.03 5.01
C VAL B 84 -0.91 -0.54 6.33
N VAL B 85 0.40 -0.38 6.53
CA VAL B 85 1.08 -1.00 7.67
C VAL B 85 1.76 0.09 8.50
N PHE B 86 1.48 0.10 9.82
CA PHE B 86 1.94 1.18 10.68
C PHE B 86 2.14 0.69 12.10
N THR B 87 2.94 1.43 12.87
CA THR B 87 3.09 1.16 14.30
C THR B 87 2.16 2.09 15.06
N ALA B 88 1.27 1.52 15.87
CA ALA B 88 0.47 2.35 16.79
C ALA B 88 1.27 2.61 18.06
N ASN B 89 1.46 3.89 18.41
CA ASN B 89 2.25 4.28 19.60
C ASN B 89 1.41 5.13 20.54
N ASP B 90 1.47 4.86 21.83
CA ASP B 90 0.60 5.54 22.80
C ASP B 90 0.89 7.01 23.11
N SER B 91 2.15 7.40 23.16
CA SER B 91 2.51 8.77 23.51
C SER B 91 1.92 9.82 22.56
N GLY B 92 1.83 9.47 21.28
CA GLY B 92 1.20 10.33 20.26
C GLY B 92 -0.29 10.56 20.48
N PRO B 93 -0.99 11.05 19.44
CA PRO B 93 -2.43 11.28 19.56
C PRO B 93 -3.30 10.00 19.56
N ARG B 94 -4.51 10.12 20.10
CA ARG B 94 -5.35 9.00 20.54
C ARG B 94 -6.25 8.34 19.47
N ARG B 95 -6.40 8.97 18.30
CA ARG B 95 -7.34 8.42 17.31
C ARG B 95 -6.70 8.39 15.92
N TYR B 96 -6.89 7.26 15.23
CA TYR B 96 -6.33 7.04 13.89
C TYR B 96 -7.46 6.93 12.86
N THR B 97 -7.42 7.79 11.85
CA THR B 97 -8.21 7.64 10.65
C THR B 97 -7.28 7.28 9.50
N ILE B 98 -7.52 6.11 8.91
CA ILE B 98 -6.79 5.66 7.74
C ILE B 98 -7.69 5.96 6.56
N ALA B 99 -7.29 6.90 5.71
CA ALA B 99 -8.10 7.26 4.55
C ALA B 99 -7.41 6.72 3.31
N ALA B 100 -8.17 6.24 2.34
CA ALA B 100 -7.59 5.78 1.10
C ALA B 100 -8.42 6.34 -0.02
N LEU B 101 -7.73 6.77 -1.07
CA LEU B 101 -8.38 7.31 -2.24
C LEU B 101 -8.08 6.38 -3.39
N LEU B 102 -9.10 5.87 -4.06
CA LEU B 102 -8.85 4.76 -4.99
C LEU B 102 -9.07 5.16 -6.42
N SER B 103 -8.14 4.73 -7.28
CA SER B 103 -8.30 4.71 -8.73
C SER B 103 -7.90 3.34 -9.26
N PRO B 104 -8.29 3.01 -10.50
CA PRO B 104 -8.02 1.63 -10.92
C PRO B 104 -6.54 1.24 -10.95
N TYR B 105 -5.69 2.18 -11.37
CA TYR B 105 -4.28 1.91 -11.44
C TYR B 105 -3.45 2.69 -10.43
N SER B 106 -4.10 3.22 -9.38
CA SER B 106 -3.41 4.07 -8.41
C SER B 106 -4.21 4.17 -7.12
N TYR B 107 -3.54 4.18 -5.98
CA TYR B 107 -4.24 4.61 -4.76
C TYR B 107 -3.34 5.48 -3.87
N SER B 108 -3.95 6.27 -3.01
N SER B 108 -3.96 6.26 -3.01
N SER B 108 -3.95 6.28 -3.03
CA SER B 108 -3.21 7.04 -2.04
CA SER B 108 -3.27 7.08 -2.03
CA SER B 108 -3.29 7.06 -1.99
C SER B 108 -3.82 6.77 -0.67
C SER B 108 -3.82 6.68 -0.67
C SER B 108 -3.82 6.68 -0.64
N THR B 109 -2.99 6.73 0.35
CA THR B 109 -3.47 6.51 1.71
C THR B 109 -2.82 7.50 2.63
N THR B 110 -3.60 7.99 3.58
N THR B 110 -3.57 7.96 3.57
CA THR B 110 -3.10 8.99 4.47
CA THR B 110 -3.03 8.88 4.50
C THR B 110 -3.58 8.61 5.85
C THR B 110 -3.56 8.60 5.87
N ALA B 111 -2.80 8.92 6.86
CA ALA B 111 -3.24 8.75 8.23
C ALA B 111 -3.49 10.13 8.83
N VAL B 112 -4.64 10.28 9.48
CA VAL B 112 -5.02 11.50 10.19
C VAL B 112 -5.10 11.08 11.65
N VAL B 113 -4.12 11.54 12.42
CA VAL B 113 -3.93 11.09 13.79
C VAL B 113 -4.17 12.26 14.71
N THR B 114 -5.25 12.18 15.51
CA THR B 114 -5.68 13.30 16.39
C THR B 114 -5.98 12.95 17.86
N ASN B 115 -6.44 13.98 18.59
CA ASN B 115 -6.56 14.01 20.06
C ASN B 115 -5.28 13.73 20.81
CAG AGI C . 3.24 11.47 -10.40
CAE AGI C . 2.24 11.64 -9.48
CAM AGI C . 2.18 10.74 -8.43
OAB AGI C . 1.21 10.89 -7.54
CAF AGI C . 3.06 9.70 -8.27
CAH AGI C . 4.05 9.56 -9.18
CAP AGI C . 4.14 10.44 -10.24
CAQ AGI C . 5.13 10.26 -11.14
OAL AGI C . 6.12 11.16 -11.22
CAJ AGI C . 5.09 9.15 -11.95
CAR AGI C . 6.09 8.90 -12.84
OAA AGI C . 6.05 7.89 -13.54
CAT AGI C . 7.08 9.83 -12.95
CAS AGI C . 7.07 10.95 -12.15
CAK AGI C . 8.04 11.91 -12.27
CAN AGI C . 9.03 11.72 -13.21
OAC AGI C . 9.97 12.65 -13.30
CAI AGI C . 9.04 10.60 -14.03
CAO AGI C . 8.05 9.65 -13.90
OAD AGI C . 8.01 8.54 -14.64
C1 GOL D . -4.04 -17.30 -17.45
O1 GOL D . -3.78 -17.15 -16.07
C2 GOL D . -3.29 -16.20 -18.17
O2 GOL D . -2.26 -16.77 -18.95
C3 GOL D . -4.30 -15.41 -19.01
O3 GOL D . -4.06 -15.56 -20.40
CAG AGI E . -8.49 11.09 1.19
CAE AGI E . -7.48 10.93 0.31
CAM AGI E . -6.91 12.06 -0.21
OAB AGI E . -5.93 11.91 -1.06
CAF AGI E . -7.29 13.32 0.11
CAH AGI E . -8.29 13.48 1.00
CAP AGI E . -8.91 12.36 1.53
CAQ AGI E . -9.92 12.51 2.43
OAL AGI E . -9.68 12.18 3.68
CAJ AGI E . -11.14 12.99 2.01
CAR AGI E . -12.14 13.08 2.91
OAA AGI E . -13.23 13.53 2.57
CAT AGI E . -11.86 12.79 4.21
CAS AGI E . -10.63 12.35 4.57
CAK AGI E . -10.31 12.08 5.86
CAN AGI E . -11.29 12.26 6.82
OAC AGI E . -10.95 12.02 8.09
CAI AGI E . -12.54 12.70 6.48
CAO AGI E . -12.83 12.98 5.18
OAD AGI E . -14.02 13.40 4.80
#